data_7AZV
#
_entry.id   7AZV
#
_cell.length_a   58.368
_cell.length_b   58.368
_cell.length_c   155.040
_cell.angle_alpha   90.000
_cell.angle_beta   90.000
_cell.angle_gamma   120.000
#
_symmetry.space_group_name_H-M   'P 32 2 1'
#
loop_
_entity.id
_entity.type
_entity.pdbx_description
1 polymer 'Chaperone protein IpgC'
2 non-polymer 'CHLORIDE ION'
3 non-polymer 4-(trifluoromethyl)benzenecarboximidamide
4 non-polymer 'MAGNESIUM ION'
5 water water
#
_entity_poly.entity_id   1
_entity_poly.type   'polypeptide(L)'
_entity_poly.pdbx_seq_one_letter_code
;GSISTAVIDAINSGATLKDINAIPDDMMDDIYSYAYDFYNKGRIEEAEVFFRFLCIYDFYNVDYIMGLAAIYQIKEQFQQ
AADLYAVAFALGKNDYTPVFHTGQCQLRLKAPLKAKECFELVIQHSNDEKLKIKAQSYLDAIQ
;
_entity_poly.pdbx_strand_id   A,B
#
loop_
_chem_comp.id
_chem_comp.type
_chem_comp.name
_chem_comp.formula
CL non-polymer 'CHLORIDE ION' 'Cl -1'
FBF non-polymer 4-(trifluoromethyl)benzenecarboximidamide 'C8 H7 F3 N2'
MG non-polymer 'MAGNESIUM ION' 'Mg 2'
#
# COMPACT_ATOMS: atom_id res chain seq x y z
N GLY A 1 -26.08 -15.99 4.41
CA GLY A 1 -25.46 -15.11 3.44
C GLY A 1 -26.13 -13.74 3.40
N SER A 2 -25.79 -12.94 2.38
CA SER A 2 -26.30 -11.60 2.22
C SER A 2 -27.40 -11.55 1.17
N ILE A 3 -28.45 -10.79 1.45
CA ILE A 3 -29.50 -10.60 0.45
C ILE A 3 -28.97 -9.76 -0.70
N SER A 4 -29.61 -9.90 -1.87
CA SER A 4 -29.09 -9.21 -3.05
C SER A 4 -29.02 -7.70 -2.86
N THR A 5 -30.03 -7.10 -2.22
CA THR A 5 -29.97 -5.65 -2.07
C THR A 5 -28.74 -5.24 -1.26
N ALA A 6 -28.34 -6.05 -0.28
CA ALA A 6 -27.15 -5.72 0.52
C ALA A 6 -25.88 -5.84 -0.31
N VAL A 7 -25.79 -6.86 -1.17
CA VAL A 7 -24.63 -7.02 -2.04
C VAL A 7 -24.55 -5.85 -3.03
N ILE A 8 -25.69 -5.50 -3.64
CA ILE A 8 -25.75 -4.37 -4.56
C ILE A 8 -25.33 -3.08 -3.86
N ASP A 9 -25.84 -2.86 -2.64
CA ASP A 9 -25.46 -1.67 -1.88
C ASP A 9 -23.96 -1.65 -1.63
N ALA A 10 -23.37 -2.81 -1.35
CA ALA A 10 -21.93 -2.85 -1.12
C ALA A 10 -21.17 -2.56 -2.41
N ILE A 11 -21.64 -3.10 -3.54
CA ILE A 11 -21.01 -2.78 -4.82
C ILE A 11 -21.09 -1.28 -5.09
N ASN A 12 -22.28 -0.68 -4.88
CA ASN A 12 -22.46 0.73 -5.17
C ASN A 12 -21.72 1.63 -4.20
N SER A 13 -21.51 1.16 -2.98
CA SER A 13 -20.87 1.95 -1.93
C SER A 13 -19.36 1.75 -1.87
N GLY A 14 -18.80 0.87 -2.71
CA GLY A 14 -17.38 0.58 -2.66
C GLY A 14 -16.92 -0.28 -1.50
N ALA A 15 -17.80 -1.07 -0.91
CA ALA A 15 -17.50 -1.87 0.27
C ALA A 15 -17.12 -3.30 -0.11
N THR A 16 -16.48 -4.00 0.83
CA THR A 16 -16.11 -5.38 0.57
C THR A 16 -17.30 -6.29 0.86
N LEU A 17 -17.27 -7.49 0.27
CA LEU A 17 -18.20 -8.52 0.70
C LEU A 17 -17.90 -8.95 2.12
N LYS A 18 -16.64 -8.89 2.53
CA LYS A 18 -16.26 -9.14 3.91
C LYS A 18 -17.02 -8.23 4.86
N ASP A 19 -17.21 -6.96 4.48
CA ASP A 19 -17.84 -5.96 5.35
C ASP A 19 -19.28 -6.33 5.68
N ILE A 20 -19.95 -7.09 4.81
CA ILE A 20 -21.33 -7.50 5.02
C ILE A 20 -21.44 -9.01 5.34
N ASN A 21 -20.32 -9.64 5.72
N ASN A 21 -20.31 -9.63 5.71
CA ASN A 21 -20.32 -11.05 6.13
CA ASN A 21 -20.29 -11.04 6.13
C ASN A 21 -21.09 -11.92 5.14
C ASN A 21 -21.06 -11.92 5.14
N ALA A 22 -20.74 -11.77 3.85
CA ALA A 22 -21.48 -12.47 2.80
C ALA A 22 -21.19 -13.97 2.75
N ILE A 23 -20.02 -14.39 3.24
CA ILE A 23 -19.59 -15.78 3.29
C ILE A 23 -19.06 -16.03 4.71
N PRO A 24 -19.39 -17.14 5.37
CA PRO A 24 -18.89 -17.37 6.73
C PRO A 24 -17.36 -17.41 6.81
N ASP A 25 -16.83 -16.96 7.96
CA ASP A 25 -15.38 -16.92 8.16
C ASP A 25 -14.70 -18.26 7.93
N ASP A 26 -15.30 -19.35 8.44
CA ASP A 26 -14.70 -20.68 8.29
C ASP A 26 -14.59 -21.09 6.83
N MET A 27 -15.58 -20.73 6.02
CA MET A 27 -15.53 -21.06 4.60
C MET A 27 -14.46 -20.25 3.89
N MET A 28 -14.30 -18.97 4.26
CA MET A 28 -13.21 -18.20 3.69
C MET A 28 -11.85 -18.80 4.06
N ASP A 29 -11.69 -19.27 5.29
CA ASP A 29 -10.45 -19.97 5.64
C ASP A 29 -10.23 -21.17 4.76
N ASP A 30 -11.29 -21.96 4.52
CA ASP A 30 -11.17 -23.11 3.64
C ASP A 30 -10.69 -22.68 2.26
N ILE A 31 -11.29 -21.60 1.71
CA ILE A 31 -10.93 -21.17 0.37
C ILE A 31 -9.47 -20.73 0.31
N TYR A 32 -9.01 -19.99 1.33
CA TYR A 32 -7.60 -19.63 1.36
C TYR A 32 -6.71 -20.87 1.42
N SER A 33 -7.09 -21.86 2.26
CA SER A 33 -6.27 -23.06 2.38
C SER A 33 -6.24 -23.84 1.06
N TYR A 34 -7.38 -23.89 0.37
CA TYR A 34 -7.41 -24.54 -0.94
C TYR A 34 -6.56 -23.78 -1.96
N ALA A 35 -6.59 -22.44 -1.90
CA ALA A 35 -5.77 -21.65 -2.81
C ALA A 35 -4.30 -21.97 -2.61
N TYR A 36 -3.88 -22.04 -1.34
CA TYR A 36 -2.51 -22.45 -1.02
C TYR A 36 -2.23 -23.87 -1.47
N ASP A 37 -3.20 -24.79 -1.31
CA ASP A 37 -3.00 -26.16 -1.78
C ASP A 37 -2.76 -26.21 -3.28
N PHE A 38 -3.61 -25.52 -4.06
CA PHE A 38 -3.41 -25.45 -5.50
C PHE A 38 -2.01 -24.93 -5.84
N TYR A 39 -1.62 -23.83 -5.19
CA TYR A 39 -0.32 -23.22 -5.42
C TYR A 39 0.81 -24.22 -5.17
N ASN A 40 0.76 -24.91 -4.03
CA ASN A 40 1.81 -25.83 -3.66
C ASN A 40 1.85 -27.05 -4.57
N LYS A 41 0.70 -27.41 -5.17
CA LYS A 41 0.56 -28.52 -6.11
C LYS A 41 0.85 -28.11 -7.56
N GLY A 42 1.24 -26.88 -7.82
CA GLY A 42 1.54 -26.51 -9.20
C GLY A 42 0.32 -26.23 -10.04
N ARG A 43 -0.86 -26.15 -9.43
CA ARG A 43 -2.08 -25.83 -10.16
C ARG A 43 -2.27 -24.32 -10.11
N ILE A 44 -1.48 -23.63 -10.95
CA ILE A 44 -1.36 -22.18 -10.85
C ILE A 44 -2.64 -21.52 -11.33
N GLU A 45 -3.25 -22.05 -12.38
CA GLU A 45 -4.44 -21.43 -12.93
C GLU A 45 -5.57 -21.44 -11.90
N GLU A 46 -5.72 -22.55 -11.17
CA GLU A 46 -6.75 -22.67 -10.16
C GLU A 46 -6.42 -21.83 -8.95
N ALA A 47 -5.15 -21.82 -8.56
CA ALA A 47 -4.71 -20.93 -7.50
C ALA A 47 -5.02 -19.48 -7.84
N GLU A 48 -4.81 -19.09 -9.10
CA GLU A 48 -5.11 -17.72 -9.50
C GLU A 48 -6.59 -17.41 -9.36
N VAL A 49 -7.47 -18.32 -9.78
CA VAL A 49 -8.90 -18.09 -9.61
C VAL A 49 -9.23 -17.86 -8.15
N PHE A 50 -8.72 -18.74 -7.30
CA PHE A 50 -9.05 -18.65 -5.89
C PHE A 50 -8.48 -17.39 -5.25
N PHE A 51 -7.22 -17.02 -5.54
CA PHE A 51 -6.69 -15.77 -4.95
C PHE A 51 -7.40 -14.53 -5.52
N ARG A 52 -7.80 -14.56 -6.79
N ARG A 52 -7.83 -14.58 -6.79
CA ARG A 52 -8.63 -13.46 -7.28
CA ARG A 52 -8.64 -13.48 -7.31
C ARG A 52 -9.95 -13.39 -6.51
C ARG A 52 -9.98 -13.39 -6.58
N PHE A 53 -10.58 -14.55 -6.28
CA PHE A 53 -11.84 -14.59 -5.54
C PHE A 53 -11.65 -13.99 -4.16
N LEU A 54 -10.58 -14.38 -3.48
CA LEU A 54 -10.32 -13.90 -2.13
C LEU A 54 -10.11 -12.40 -2.10
N CYS A 55 -9.37 -11.87 -3.08
CA CYS A 55 -9.12 -10.43 -3.09
C CYS A 55 -10.35 -9.64 -3.50
N ILE A 56 -11.27 -10.25 -4.25
CA ILE A 56 -12.53 -9.57 -4.51
C ILE A 56 -13.34 -9.50 -3.24
N TYR A 57 -13.31 -10.59 -2.46
CA TYR A 57 -14.07 -10.67 -1.22
C TYR A 57 -13.55 -9.67 -0.20
N ASP A 58 -12.22 -9.53 -0.08
CA ASP A 58 -11.64 -8.60 0.90
C ASP A 58 -10.33 -8.04 0.33
N PHE A 59 -10.45 -6.92 -0.38
CA PHE A 59 -9.29 -6.26 -0.96
C PHE A 59 -8.33 -5.72 0.09
N TYR A 60 -8.69 -5.66 1.38
CA TYR A 60 -7.78 -5.17 2.40
C TYR A 60 -7.08 -6.26 3.22
N ASN A 61 -7.14 -7.51 2.78
CA ASN A 61 -6.53 -8.61 3.51
C ASN A 61 -5.14 -8.81 2.93
N VAL A 62 -4.11 -8.55 3.75
N VAL A 62 -4.10 -8.56 3.75
CA VAL A 62 -2.74 -8.53 3.25
CA VAL A 62 -2.74 -8.52 3.22
C VAL A 62 -2.33 -9.88 2.67
C VAL A 62 -2.30 -9.88 2.68
N ASP A 63 -2.69 -10.97 3.35
CA ASP A 63 -2.31 -12.30 2.85
C ASP A 63 -3.04 -12.67 1.56
N TYR A 64 -4.29 -12.25 1.40
CA TYR A 64 -4.96 -12.52 0.13
C TYR A 64 -4.23 -11.79 -1.00
N ILE A 65 -3.90 -10.51 -0.78
CA ILE A 65 -3.17 -9.72 -1.76
C ILE A 65 -1.80 -10.34 -2.06
N MET A 66 -1.10 -10.75 -1.01
CA MET A 66 0.24 -11.32 -1.21
C MET A 66 0.20 -12.60 -2.05
N GLY A 67 -0.85 -13.40 -1.86
CA GLY A 67 -0.99 -14.62 -2.62
C GLY A 67 -1.19 -14.34 -4.11
N LEU A 68 -2.07 -13.40 -4.43
CA LEU A 68 -2.25 -13.07 -5.84
C LEU A 68 -0.98 -12.47 -6.43
N ALA A 69 -0.29 -11.63 -5.66
CA ALA A 69 0.93 -11.01 -6.17
C ALA A 69 1.96 -12.08 -6.50
N ALA A 70 2.10 -13.06 -5.62
CA ALA A 70 3.01 -14.16 -5.87
C ALA A 70 2.65 -14.92 -7.13
N ILE A 71 1.34 -15.16 -7.35
CA ILE A 71 0.90 -15.83 -8.56
C ILE A 71 1.24 -15.01 -9.79
N TYR A 72 0.95 -13.70 -9.75
CA TYR A 72 1.30 -12.86 -10.88
C TYR A 72 2.81 -12.86 -11.12
N GLN A 73 3.61 -12.89 -10.05
CA GLN A 73 5.05 -12.94 -10.26
C GLN A 73 5.46 -14.22 -10.95
N ILE A 74 4.90 -15.35 -10.51
CA ILE A 74 5.16 -16.63 -11.15
C ILE A 74 4.78 -16.59 -12.63
N LYS A 75 3.65 -15.96 -12.95
CA LYS A 75 3.18 -15.89 -14.34
C LYS A 75 3.83 -14.76 -15.15
N GLU A 76 4.84 -14.11 -14.59
CA GLU A 76 5.60 -13.05 -15.25
C GLU A 76 4.74 -11.83 -15.58
N GLN A 77 3.68 -11.62 -14.82
CA GLN A 77 2.95 -10.35 -14.84
C GLN A 77 3.58 -9.45 -13.77
N PHE A 78 4.77 -8.96 -14.10
CA PHE A 78 5.65 -8.39 -13.07
C PHE A 78 5.15 -7.06 -12.57
N GLN A 79 4.58 -6.24 -13.46
CA GLN A 79 4.07 -4.93 -13.04
C GLN A 79 2.85 -5.09 -12.15
N GLN A 80 1.93 -5.99 -12.51
CA GLN A 80 0.77 -6.22 -11.66
C GLN A 80 1.21 -6.75 -10.30
N ALA A 81 2.18 -7.66 -10.27
CA ALA A 81 2.70 -8.17 -9.01
C ALA A 81 3.29 -7.06 -8.17
N ALA A 82 4.13 -6.22 -8.79
CA ALA A 82 4.75 -5.12 -8.06
C ALA A 82 3.69 -4.19 -7.49
N ASP A 83 2.64 -3.90 -8.27
CA ASP A 83 1.58 -3.03 -7.80
C ASP A 83 0.92 -3.62 -6.56
N LEU A 84 0.65 -4.94 -6.57
CA LEU A 84 -0.01 -5.56 -5.42
C LEU A 84 0.93 -5.64 -4.22
N TYR A 85 2.21 -5.90 -4.47
CA TYR A 85 3.17 -5.92 -3.37
C TYR A 85 3.24 -4.56 -2.69
N ALA A 86 3.15 -3.47 -3.45
CA ALA A 86 3.18 -2.15 -2.80
C ALA A 86 1.97 -1.95 -1.89
N VAL A 87 0.78 -2.33 -2.37
CA VAL A 87 -0.41 -2.29 -1.54
C VAL A 87 -0.22 -3.16 -0.30
N ALA A 88 0.25 -4.41 -0.50
CA ALA A 88 0.43 -5.32 0.63
C ALA A 88 1.38 -4.73 1.66
N PHE A 89 2.47 -4.10 1.20
CA PHE A 89 3.38 -3.46 2.13
C PHE A 89 2.68 -2.41 2.97
N ALA A 90 1.89 -1.56 2.29
CA ALA A 90 1.24 -0.45 2.95
C ALA A 90 0.24 -0.92 3.97
N LEU A 91 -0.49 -1.99 3.66
CA LEU A 91 -1.50 -2.47 4.60
C LEU A 91 -0.86 -3.04 5.86
N GLY A 92 0.30 -3.70 5.73
CA GLY A 92 0.96 -4.28 6.90
C GLY A 92 1.90 -3.32 7.63
N LYS A 93 2.50 -2.38 6.90
CA LYS A 93 3.39 -1.33 7.40
C LYS A 93 4.73 -1.87 7.88
N ASN A 94 4.72 -3.08 8.47
CA ASN A 94 5.81 -3.60 9.27
C ASN A 94 6.73 -4.58 8.55
N ASP A 95 6.27 -5.18 7.48
CA ASP A 95 6.93 -6.32 6.86
C ASP A 95 7.52 -5.90 5.53
N TYR A 96 8.83 -6.02 5.39
CA TYR A 96 9.51 -5.63 4.16
C TYR A 96 9.57 -6.75 3.14
N THR A 97 8.98 -7.92 3.42
CA THR A 97 9.02 -8.99 2.44
C THR A 97 8.41 -8.60 1.10
N PRO A 98 7.27 -7.89 1.04
CA PRO A 98 6.74 -7.47 -0.26
C PRO A 98 7.67 -6.53 -1.01
N VAL A 99 8.43 -5.70 -0.29
CA VAL A 99 9.38 -4.81 -0.95
C VAL A 99 10.52 -5.61 -1.58
N PHE A 100 11.00 -6.63 -0.87
CA PHE A 100 11.97 -7.57 -1.44
C PHE A 100 11.46 -8.20 -2.75
N HIS A 101 10.21 -8.68 -2.77
CA HIS A 101 9.71 -9.29 -4.01
C HIS A 101 9.50 -8.23 -5.09
N THR A 102 9.14 -7.00 -4.71
CA THR A 102 9.08 -5.92 -5.69
C THR A 102 10.43 -5.73 -6.36
N GLY A 103 11.51 -5.81 -5.57
CA GLY A 103 12.83 -5.70 -6.18
C GLY A 103 13.08 -6.76 -7.22
N GLN A 104 12.70 -8.01 -6.92
CA GLN A 104 12.81 -9.08 -7.91
C GLN A 104 12.02 -8.73 -9.17
N CYS A 105 10.80 -8.27 -8.98
CA CYS A 105 9.97 -7.89 -10.12
C CYS A 105 10.62 -6.78 -10.94
N GLN A 106 11.17 -5.76 -10.26
CA GLN A 106 11.76 -4.64 -10.99
C GLN A 106 12.96 -5.11 -11.81
N LEU A 107 13.78 -6.02 -11.28
CA LEU A 107 14.86 -6.56 -12.10
C LEU A 107 14.31 -7.18 -13.38
N ARG A 108 13.24 -7.97 -13.25
CA ARG A 108 12.68 -8.60 -14.44
C ARG A 108 12.05 -7.59 -15.39
N LEU A 109 11.63 -6.44 -14.89
CA LEU A 109 11.12 -5.36 -15.72
C LEU A 109 12.21 -4.47 -16.31
N LYS A 110 13.48 -4.85 -16.15
CA LYS A 110 14.61 -4.09 -16.67
C LYS A 110 14.72 -2.71 -16.05
N ALA A 111 14.38 -2.61 -14.76
CA ALA A 111 14.45 -1.37 -13.99
C ALA A 111 15.39 -1.63 -12.81
N PRO A 112 16.70 -1.75 -13.08
CA PRO A 112 17.63 -2.21 -12.05
C PRO A 112 17.87 -1.18 -10.96
N LEU A 113 17.72 0.12 -11.26
CA LEU A 113 17.88 1.12 -10.22
C LEU A 113 16.68 1.11 -9.27
N LYS A 114 15.47 0.91 -9.81
CA LYS A 114 14.32 0.69 -8.94
C LYS A 114 14.52 -0.56 -8.08
N ALA A 115 15.04 -1.63 -8.67
CA ALA A 115 15.29 -2.85 -7.92
C ALA A 115 16.26 -2.56 -6.77
N LYS A 116 17.37 -1.89 -7.08
CA LYS A 116 18.35 -1.57 -6.04
C LYS A 116 17.68 -0.80 -4.90
N GLU A 117 16.84 0.17 -5.25
CA GLU A 117 16.18 0.98 -4.23
C GLU A 117 15.30 0.11 -3.34
N CYS A 118 14.63 -0.88 -3.94
CA CYS A 118 13.81 -1.81 -3.16
C CYS A 118 14.67 -2.60 -2.18
N PHE A 119 15.75 -3.21 -2.66
CA PHE A 119 16.59 -4.02 -1.79
C PHE A 119 17.26 -3.16 -0.69
N GLU A 120 17.65 -1.94 -1.04
CA GLU A 120 18.25 -1.05 -0.03
C GLU A 120 17.22 -0.68 1.04
N LEU A 121 15.96 -0.44 0.65
CA LEU A 121 14.92 -0.16 1.64
C LEU A 121 14.77 -1.30 2.63
N VAL A 122 14.78 -2.55 2.14
CA VAL A 122 14.76 -3.71 3.03
C VAL A 122 15.95 -3.66 3.98
N ILE A 123 17.15 -3.45 3.43
CA ILE A 123 18.37 -3.49 4.25
C ILE A 123 18.35 -2.39 5.28
N GLN A 124 17.90 -1.20 4.90
CA GLN A 124 17.97 -0.08 5.84
C GLN A 124 16.92 -0.14 6.93
N HIS A 125 15.75 -0.75 6.69
CA HIS A 125 14.63 -0.57 7.59
C HIS A 125 14.15 -1.86 8.25
N SER A 126 14.40 -3.01 7.65
CA SER A 126 13.93 -4.26 8.23
C SER A 126 14.79 -4.66 9.43
N ASN A 127 14.16 -5.26 10.44
CA ASN A 127 14.94 -5.88 11.51
C ASN A 127 15.00 -7.40 11.33
N ASP A 128 14.53 -7.90 10.19
CA ASP A 128 14.56 -9.32 9.86
C ASP A 128 15.88 -9.61 9.17
N GLU A 129 16.89 -10.06 9.93
CA GLU A 129 18.21 -10.26 9.35
C GLU A 129 18.21 -11.38 8.32
N LYS A 130 17.30 -12.34 8.43
CA LYS A 130 17.27 -13.37 7.41
C LYS A 130 16.81 -12.81 6.07
N LEU A 131 15.80 -11.94 6.11
CA LEU A 131 15.35 -11.26 4.89
C LEU A 131 16.44 -10.37 4.33
N LYS A 132 17.19 -9.69 5.22
CA LYS A 132 18.27 -8.83 4.74
C LYS A 132 19.34 -9.62 4.01
N ILE A 133 19.64 -10.85 4.48
CA ILE A 133 20.62 -11.67 3.77
C ILE A 133 20.19 -11.89 2.34
N LYS A 134 18.90 -12.21 2.14
CA LYS A 134 18.39 -12.40 0.79
C LYS A 134 18.47 -11.11 -0.05
N ALA A 135 18.04 -9.97 0.52
CA ALA A 135 18.10 -8.71 -0.20
C ALA A 135 19.53 -8.35 -0.54
N GLN A 136 20.44 -8.55 0.42
CA GLN A 136 21.86 -8.25 0.20
C GLN A 136 22.47 -9.11 -0.89
N SER A 137 21.97 -10.35 -1.07
N SER A 137 22.02 -10.35 -1.03
CA SER A 137 22.50 -11.22 -2.11
CA SER A 137 22.49 -11.20 -2.11
C SER A 137 22.13 -10.71 -3.51
C SER A 137 22.21 -10.54 -3.46
N TYR A 138 21.00 -10.02 -3.64
CA TYR A 138 20.67 -9.35 -4.89
C TYR A 138 21.50 -8.09 -5.05
N LEU A 139 21.59 -7.26 -4.00
CA LEU A 139 22.38 -6.04 -4.11
C LEU A 139 23.83 -6.33 -4.48
N ASP A 140 24.42 -7.37 -3.89
CA ASP A 140 25.83 -7.65 -4.17
C ASP A 140 26.03 -8.09 -5.60
N ALA A 141 25.00 -8.65 -6.22
CA ALA A 141 25.09 -9.09 -7.61
C ALA A 141 24.94 -7.94 -8.59
N ILE A 142 24.31 -6.85 -8.14
CA ILE A 142 24.19 -5.63 -8.92
C ILE A 142 23.71 -5.94 -10.33
N GLY B 1 -12.30 3.17 -2.03
CA GLY B 1 -11.25 4.18 -1.99
C GLY B 1 -10.19 3.99 -3.05
N SER B 2 -9.11 4.78 -2.94
CA SER B 2 -8.05 4.74 -3.94
C SER B 2 -7.31 3.42 -3.88
N ILE B 3 -7.14 2.86 -2.68
CA ILE B 3 -6.48 1.57 -2.57
C ILE B 3 -7.36 0.48 -3.16
N SER B 4 -8.68 0.51 -2.90
CA SER B 4 -9.53 -0.53 -3.46
C SER B 4 -9.54 -0.47 -4.98
N THR B 5 -9.56 0.75 -5.55
CA THR B 5 -9.48 0.90 -7.00
C THR B 5 -8.18 0.32 -7.54
N ALA B 6 -7.07 0.53 -6.83
CA ALA B 6 -5.81 -0.03 -7.30
C ALA B 6 -5.82 -1.56 -7.28
N VAL B 7 -6.38 -2.16 -6.22
CA VAL B 7 -6.45 -3.61 -6.13
C VAL B 7 -7.40 -4.20 -7.19
N ILE B 8 -8.60 -3.62 -7.35
CA ILE B 8 -9.54 -4.14 -8.34
C ILE B 8 -8.93 -4.08 -9.74
N ASP B 9 -8.25 -2.97 -10.05
CA ASP B 9 -7.61 -2.83 -11.35
C ASP B 9 -6.60 -3.97 -11.55
N ALA B 10 -5.85 -4.35 -10.50
CA ALA B 10 -4.87 -5.42 -10.62
C ALA B 10 -5.54 -6.79 -10.72
N ILE B 11 -6.63 -7.02 -9.97
CA ILE B 11 -7.36 -8.27 -10.12
C ILE B 11 -7.82 -8.46 -11.57
N ASN B 12 -8.40 -7.41 -12.16
CA ASN B 12 -9.03 -7.53 -13.48
C ASN B 12 -8.03 -7.53 -14.65
N SER B 13 -6.89 -6.88 -14.50
CA SER B 13 -5.91 -6.78 -15.60
C SER B 13 -4.78 -5.84 -15.22
N ILE B 23 -2.02 11.18 -21.23
CA ILE B 23 -1.96 12.60 -20.88
C ILE B 23 -0.51 13.02 -20.64
N PRO B 24 -0.08 14.13 -21.24
CA PRO B 24 1.29 14.60 -21.00
C PRO B 24 1.49 14.92 -19.53
N ASP B 25 2.71 14.69 -19.05
CA ASP B 25 2.99 14.99 -17.65
C ASP B 25 2.57 16.40 -17.30
N ASP B 26 2.74 17.36 -18.23
CA ASP B 26 2.42 18.76 -17.92
C ASP B 26 0.94 18.95 -17.60
N MET B 27 0.06 18.24 -18.30
CA MET B 27 -1.37 18.38 -18.01
C MET B 27 -1.73 17.78 -16.65
N MET B 28 -1.11 16.65 -16.31
CA MET B 28 -1.29 16.07 -14.98
C MET B 28 -0.79 17.03 -13.92
N ASP B 29 0.36 17.67 -14.19
CA ASP B 29 0.89 18.72 -13.32
C ASP B 29 -0.11 19.85 -13.15
N ASP B 30 -0.77 20.25 -14.25
CA ASP B 30 -1.80 21.28 -14.15
C ASP B 30 -2.89 20.88 -13.15
N ILE B 31 -3.44 19.68 -13.30
CA ILE B 31 -4.55 19.26 -12.45
C ILE B 31 -4.10 19.13 -11.00
N TYR B 32 -2.89 18.62 -10.77
CA TYR B 32 -2.33 18.62 -9.41
C TYR B 32 -2.30 20.03 -8.83
N SER B 33 -1.87 21.01 -9.62
CA SER B 33 -1.80 22.38 -9.11
C SER B 33 -3.20 22.92 -8.81
N TYR B 34 -4.20 22.55 -9.63
CA TYR B 34 -5.57 22.99 -9.37
C TYR B 34 -6.08 22.40 -8.06
N ALA B 35 -5.78 21.12 -7.79
CA ALA B 35 -6.21 20.51 -6.54
C ALA B 35 -5.60 21.23 -5.35
N TYR B 36 -4.32 21.56 -5.45
CA TYR B 36 -3.64 22.33 -4.42
C TYR B 36 -4.25 23.71 -4.27
N ASP B 37 -4.62 24.35 -5.39
CA ASP B 37 -5.27 25.65 -5.34
C ASP B 37 -6.54 25.57 -4.50
N PHE B 38 -7.38 24.56 -4.77
CA PHE B 38 -8.59 24.34 -3.98
C PHE B 38 -8.22 24.14 -2.51
N TYR B 39 -7.26 23.27 -2.25
CA TYR B 39 -6.83 22.97 -0.88
C TYR B 39 -6.45 24.23 -0.11
N ASN B 40 -5.64 25.09 -0.75
CA ASN B 40 -5.12 26.27 -0.11
C ASN B 40 -6.21 27.28 0.22
N LYS B 41 -7.29 27.28 -0.55
CA LYS B 41 -8.42 28.16 -0.27
C LYS B 41 -9.41 27.56 0.71
N GLY B 42 -9.14 26.36 1.24
CA GLY B 42 -10.06 25.70 2.16
C GLY B 42 -11.17 24.91 1.51
N ARG B 43 -11.14 24.80 0.18
N ARG B 43 -11.12 24.74 0.18
CA ARG B 43 -12.08 23.97 -0.57
CA ARG B 43 -12.15 23.98 -0.53
C ARG B 43 -11.59 22.53 -0.52
C ARG B 43 -11.78 22.49 -0.55
N ILE B 44 -11.77 21.93 0.66
CA ILE B 44 -11.21 20.61 0.90
C ILE B 44 -11.94 19.55 0.09
N GLU B 45 -13.27 19.66 -0.01
CA GLU B 45 -14.03 18.63 -0.71
C GLU B 45 -13.69 18.62 -2.20
N GLU B 46 -13.53 19.78 -2.80
CA GLU B 46 -13.14 19.81 -4.21
C GLU B 46 -11.69 19.36 -4.38
N ALA B 47 -10.79 19.76 -3.47
CA ALA B 47 -9.44 19.22 -3.56
C ALA B 47 -9.44 17.70 -3.47
N GLU B 48 -10.26 17.14 -2.58
CA GLU B 48 -10.29 15.69 -2.42
C GLU B 48 -10.76 15.01 -3.70
N VAL B 49 -11.79 15.55 -4.37
CA VAL B 49 -12.22 15.01 -5.66
C VAL B 49 -11.07 15.00 -6.66
N PHE B 50 -10.34 16.12 -6.76
CA PHE B 50 -9.26 16.19 -7.74
C PHE B 50 -8.13 15.23 -7.41
N PHE B 51 -7.77 15.09 -6.12
CA PHE B 51 -6.73 14.12 -5.77
C PHE B 51 -7.22 12.70 -5.99
N ARG B 52 -8.51 12.42 -5.72
CA ARG B 52 -9.03 11.08 -5.98
C ARG B 52 -8.99 10.77 -7.47
N PHE B 53 -9.31 11.77 -8.31
CA PHE B 53 -9.18 11.62 -9.76
C PHE B 53 -7.75 11.29 -10.17
N LEU B 54 -6.81 12.03 -9.62
CA LEU B 54 -5.41 11.82 -9.96
C LEU B 54 -4.95 10.44 -9.53
N CYS B 55 -5.39 9.99 -8.34
CA CYS B 55 -5.02 8.65 -7.88
C CYS B 55 -5.74 7.54 -8.63
N ILE B 56 -6.85 7.82 -9.33
CA ILE B 56 -7.39 6.83 -10.26
C ILE B 56 -6.57 6.78 -11.54
N TYR B 57 -6.16 7.93 -12.06
CA TYR B 57 -5.39 7.99 -13.30
C TYR B 57 -3.98 7.41 -13.13
N ASP B 58 -3.33 7.72 -12.02
CA ASP B 58 -1.93 7.33 -11.82
C ASP B 58 -1.74 7.13 -10.32
N PHE B 59 -2.16 5.96 -9.82
CA PHE B 59 -2.16 5.72 -8.37
C PHE B 59 -0.76 5.63 -7.80
N TYR B 60 0.18 5.17 -8.58
CA TYR B 60 1.52 4.88 -8.08
C TYR B 60 2.42 6.09 -8.30
N ASN B 61 1.84 7.26 -8.07
CA ASN B 61 2.50 8.56 -8.11
C ASN B 61 2.55 9.17 -6.70
N VAL B 62 3.76 9.38 -6.16
CA VAL B 62 3.85 9.74 -4.73
C VAL B 62 3.24 11.12 -4.44
N ASP B 63 3.35 12.07 -5.36
CA ASP B 63 2.78 13.39 -5.09
C ASP B 63 1.26 13.33 -4.97
N TYR B 64 0.61 12.53 -5.80
CA TYR B 64 -0.85 12.41 -5.76
C TYR B 64 -1.29 11.70 -4.49
N ILE B 65 -0.60 10.61 -4.15
N ILE B 65 -0.56 10.65 -4.11
CA ILE B 65 -0.90 9.90 -2.91
CA ILE B 65 -0.89 9.88 -2.92
C ILE B 65 -0.74 10.82 -1.70
C ILE B 65 -0.66 10.71 -1.66
N MET B 66 0.38 11.55 -1.65
CA MET B 66 0.64 12.37 -0.46
C MET B 66 -0.43 13.45 -0.29
N GLY B 67 -0.90 14.02 -1.39
CA GLY B 67 -1.91 15.05 -1.30
C GLY B 67 -3.21 14.49 -0.79
N LEU B 68 -3.63 13.34 -1.30
CA LEU B 68 -4.87 12.71 -0.82
C LEU B 68 -4.73 12.27 0.64
N ALA B 69 -3.59 11.70 1.00
CA ALA B 69 -3.41 11.27 2.38
C ALA B 69 -3.52 12.45 3.34
N ALA B 70 -2.97 13.60 2.95
CA ALA B 70 -3.08 14.80 3.79
C ALA B 70 -4.53 15.19 4.04
N ILE B 71 -5.37 15.11 3.00
CA ILE B 71 -6.77 15.45 3.16
C ILE B 71 -7.46 14.48 4.10
N TYR B 72 -7.21 13.18 3.94
CA TYR B 72 -7.77 12.22 4.89
C TYR B 72 -7.29 12.50 6.31
N GLN B 73 -6.04 12.90 6.48
CA GLN B 73 -5.58 13.18 7.84
C GLN B 73 -6.31 14.38 8.43
N ILE B 74 -6.48 15.44 7.64
CA ILE B 74 -7.22 16.62 8.07
C ILE B 74 -8.63 16.26 8.49
N LYS B 75 -9.25 15.37 7.74
CA LYS B 75 -10.61 14.93 7.95
C LYS B 75 -10.69 13.85 9.03
N GLU B 76 -9.58 13.58 9.72
CA GLU B 76 -9.55 12.62 10.81
C GLU B 76 -9.92 11.22 10.34
N GLN B 77 -9.68 10.93 9.06
CA GLN B 77 -9.73 9.56 8.55
C GLN B 77 -8.33 8.95 8.63
N PHE B 78 -7.94 8.63 9.88
CA PHE B 78 -6.52 8.39 10.14
C PHE B 78 -6.02 7.08 9.54
N GLN B 79 -6.85 6.03 9.53
CA GLN B 79 -6.40 4.76 8.96
C GLN B 79 -6.20 4.88 7.46
N GLN B 80 -7.15 5.52 6.77
CA GLN B 80 -6.98 5.70 5.33
C GLN B 80 -5.75 6.52 5.03
N ALA B 81 -5.51 7.56 5.83
CA ALA B 81 -4.33 8.38 5.62
C ALA B 81 -3.07 7.55 5.80
N ALA B 82 -3.03 6.77 6.88
CA ALA B 82 -1.85 5.97 7.17
C ALA B 82 -1.54 5.00 6.04
N ASP B 83 -2.58 4.35 5.52
CA ASP B 83 -2.39 3.39 4.44
C ASP B 83 -1.82 4.07 3.21
N LEU B 84 -2.32 5.26 2.85
CA LEU B 84 -1.78 5.96 1.70
C LEU B 84 -0.36 6.46 1.94
N TYR B 85 -0.07 6.99 3.13
CA TYR B 85 1.30 7.41 3.40
C TYR B 85 2.27 6.24 3.24
N ALA B 86 1.85 5.04 3.64
CA ALA B 86 2.73 3.87 3.53
C ALA B 86 2.98 3.52 2.08
N VAL B 87 1.96 3.60 1.23
CA VAL B 87 2.15 3.39 -0.20
C VAL B 87 3.19 4.37 -0.73
N ALA B 88 3.03 5.64 -0.37
CA ALA B 88 3.93 6.68 -0.84
C ALA B 88 5.36 6.39 -0.42
N PHE B 89 5.56 5.96 0.82
CA PHE B 89 6.90 5.62 1.26
C PHE B 89 7.47 4.44 0.46
N ALA B 90 6.66 3.41 0.22
CA ALA B 90 7.14 2.26 -0.53
C ALA B 90 7.58 2.67 -1.92
N LEU B 91 6.85 3.60 -2.53
CA LEU B 91 7.16 4.03 -3.88
C LEU B 91 8.33 5.00 -3.92
N GLY B 92 8.41 5.93 -2.94
CA GLY B 92 9.43 6.97 -2.92
C GLY B 92 10.72 6.66 -2.18
N LYS B 93 10.63 5.99 -1.03
CA LYS B 93 11.78 5.45 -0.29
C LYS B 93 12.73 6.45 0.37
N ASN B 94 12.92 7.64 -0.19
CA ASN B 94 13.93 8.56 0.31
C ASN B 94 13.36 9.70 1.16
N ASP B 95 12.05 9.93 1.13
CA ASP B 95 11.40 11.05 1.82
C ASP B 95 10.65 10.48 3.03
N TYR B 96 11.06 10.89 4.24
CA TYR B 96 10.47 10.36 5.47
C TYR B 96 9.25 11.14 5.93
N THR B 97 8.82 12.16 5.18
CA THR B 97 7.61 12.90 5.54
C THR B 97 6.41 11.98 5.65
N PRO B 98 6.16 11.03 4.74
CA PRO B 98 5.04 10.11 4.96
C PRO B 98 5.16 9.27 6.21
N VAL B 99 6.37 8.88 6.60
CA VAL B 99 6.53 8.07 7.80
C VAL B 99 6.18 8.89 9.02
N PHE B 100 6.63 10.15 9.03
CA PHE B 100 6.31 11.07 10.11
C PHE B 100 4.80 11.23 10.24
N HIS B 101 4.09 11.45 9.11
CA HIS B 101 2.64 11.62 9.24
C HIS B 101 1.95 10.31 9.61
N THR B 102 2.46 9.17 9.13
CA THR B 102 1.92 7.88 9.60
C THR B 102 2.02 7.79 11.11
N GLY B 103 3.15 8.22 11.69
CA GLY B 103 3.27 8.21 13.13
C GLY B 103 2.19 9.03 13.81
N GLN B 104 1.93 10.22 13.29
CA GLN B 104 0.84 11.04 13.82
C GLN B 104 -0.48 10.32 13.73
N CYS B 105 -0.75 9.71 12.58
CA CYS B 105 -2.00 8.98 12.41
C CYS B 105 -2.12 7.84 13.40
N GLN B 106 -1.02 7.09 13.61
CA GLN B 106 -1.09 5.94 14.51
C GLN B 106 -1.35 6.38 15.94
N LEU B 107 -0.78 7.51 16.35
CA LEU B 107 -1.10 8.08 17.66
C LEU B 107 -2.60 8.33 17.78
N ARG B 108 -3.19 8.95 16.76
CA ARG B 108 -4.61 9.23 16.83
C ARG B 108 -5.43 7.95 16.79
N LEU B 109 -4.88 6.87 16.23
CA LEU B 109 -5.53 5.56 16.21
C LEU B 109 -5.27 4.77 17.49
N LYS B 110 -4.65 5.38 18.48
CA LYS B 110 -4.37 4.70 19.75
C LYS B 110 -3.42 3.51 19.55
N ALA B 111 -2.43 3.70 18.68
CA ALA B 111 -1.41 2.67 18.40
C ALA B 111 -0.05 3.29 18.70
N PRO B 112 0.25 3.51 19.98
CA PRO B 112 1.45 4.29 20.31
C PRO B 112 2.76 3.59 20.00
N LEU B 113 2.78 2.25 19.99
CA LEU B 113 4.01 1.53 19.65
C LEU B 113 4.31 1.62 18.16
N LYS B 114 3.28 1.51 17.33
CA LYS B 114 3.45 1.75 15.89
C LYS B 114 3.92 3.17 15.64
N ALA B 115 3.32 4.12 16.36
CA ALA B 115 3.71 5.51 16.20
C ALA B 115 5.18 5.69 16.58
N LYS B 116 5.57 5.14 17.72
CA LYS B 116 6.97 5.26 18.15
C LYS B 116 7.92 4.70 17.09
N GLU B 117 7.57 3.55 16.50
CA GLU B 117 8.42 2.97 15.46
C GLU B 117 8.56 3.91 14.28
N CYS B 118 7.46 4.57 13.88
CA CYS B 118 7.52 5.55 12.80
C CYS B 118 8.47 6.69 13.12
N PHE B 119 8.30 7.31 14.29
CA PHE B 119 9.13 8.45 14.65
C PHE B 119 10.60 8.07 14.80
N GLU B 120 10.87 6.86 15.31
CA GLU B 120 12.26 6.41 15.40
C GLU B 120 12.86 6.23 14.01
N LEU B 121 12.09 5.71 13.05
CA LEU B 121 12.62 5.59 11.70
C LEU B 121 13.04 6.95 11.16
N VAL B 122 12.20 7.98 11.38
CA VAL B 122 12.54 9.33 10.93
C VAL B 122 13.87 9.77 11.52
N ILE B 123 14.03 9.61 12.82
CA ILE B 123 15.24 10.11 13.47
C ILE B 123 16.47 9.38 12.96
N GLN B 124 16.34 8.06 12.73
CA GLN B 124 17.50 7.27 12.34
C GLN B 124 17.88 7.45 10.88
N HIS B 125 16.91 7.76 10.01
CA HIS B 125 17.15 7.72 8.57
C HIS B 125 16.96 9.03 7.81
N SER B 126 16.17 9.96 8.33
CA SER B 126 15.91 11.19 7.58
C SER B 126 17.11 12.12 7.62
N ASN B 127 17.32 12.83 6.52
CA ASN B 127 18.29 13.93 6.48
C ASN B 127 17.64 15.30 6.62
N ASP B 128 16.35 15.31 6.92
CA ASP B 128 15.56 16.51 7.12
C ASP B 128 15.62 16.86 8.61
N GLU B 129 16.49 17.82 8.96
CA GLU B 129 16.72 18.07 10.39
C GLU B 129 15.48 18.62 11.08
N LYS B 130 14.66 19.39 10.36
CA LYS B 130 13.46 19.93 10.97
C LYS B 130 12.44 18.83 11.24
N LEU B 131 12.31 17.90 10.31
CA LEU B 131 11.41 16.77 10.51
C LEU B 131 11.88 15.93 11.70
N LYS B 132 13.19 15.77 11.85
CA LYS B 132 13.68 14.99 12.98
C LYS B 132 13.31 15.64 14.32
N ILE B 133 13.39 16.98 14.42
CA ILE B 133 12.95 17.63 15.66
C ILE B 133 11.50 17.35 15.94
N LYS B 134 10.66 17.43 14.90
CA LYS B 134 9.23 17.18 15.07
C LYS B 134 9.00 15.75 15.54
N ALA B 135 9.69 14.78 14.92
CA ALA B 135 9.53 13.40 15.36
C ALA B 135 10.00 13.21 16.80
N GLN B 136 11.12 13.84 17.17
CA GLN B 136 11.58 13.73 18.56
C GLN B 136 10.57 14.32 19.54
N SER B 137 9.87 15.38 19.16
N SER B 137 9.89 15.40 19.15
CA SER B 137 8.92 15.96 20.10
CA SER B 137 8.91 15.97 20.06
C SER B 137 7.76 15.01 20.35
C SER B 137 7.82 14.95 20.37
N TYR B 138 7.35 14.23 19.35
CA TYR B 138 6.34 13.20 19.59
C TYR B 138 6.89 12.09 20.48
N LEU B 139 8.13 11.66 20.21
CA LEU B 139 8.71 10.58 21.01
C LEU B 139 8.78 10.97 22.46
N ASP B 140 9.08 12.24 22.74
CA ASP B 140 9.20 12.68 24.12
C ASP B 140 7.86 12.61 24.82
N ALA B 141 6.76 12.79 24.07
CA ALA B 141 5.44 12.69 24.67
C ALA B 141 4.98 11.25 24.83
N ILE B 142 5.50 10.33 24.02
CA ILE B 142 5.17 8.92 24.16
C ILE B 142 5.93 8.37 25.36
CL CL C . 15.58 1.68 -13.22
CL CL D . -1.82 0.09 10.00
CL CL E . -32.15 -11.83 -1.91
C1 FBF F . 20.58 -3.66 12.21
C2 FBF F . 19.22 -3.39 12.21
C3 FBF F . 18.72 -2.23 12.79
C4 FBF F . 19.61 -1.36 13.39
C5 FBF F . 20.97 -1.62 13.40
C6 FBF F . 21.47 -2.76 12.81
C7 FBF F . 22.92 -3.03 12.78
N8 FBF F . 23.69 -2.53 13.71
N9 FBF F . 23.43 -3.74 11.81
C10 FBF F . 17.27 -1.94 12.75
F11 FBF F . 16.86 -1.37 13.88
F12 FBF F . 16.52 -3.02 12.55
F13 FBF F . 16.96 -1.11 11.76
C1 FBF G . 18.81 -15.10 -7.58
C2 FBF G . 19.30 -14.12 -8.43
C3 FBF G . 20.20 -13.17 -7.97
C4 FBF G . 20.59 -13.22 -6.63
C5 FBF G . 20.09 -14.19 -5.79
C6 FBF G . 19.20 -15.15 -6.25
C7 FBF G . 18.69 -16.20 -5.35
C10 FBF G . 20.77 -12.15 -8.90
F11 FBF G . 20.63 -12.48 -10.18
F12 FBF G . 22.07 -11.97 -8.72
F13 FBF G . 20.21 -10.95 -8.77
CL CL H . 13.08 13.00 4.85
MG MG I . 21.13 10.95 10.29
#